data_5TSY
#
_entry.id   5TSY
#
_cell.length_a   65.421
_cell.length_b   84.098
_cell.length_c   47.179
_cell.angle_alpha   90.00
_cell.angle_beta   90.00
_cell.angle_gamma   90.00
#
_symmetry.space_group_name_H-M   'P 21 21 2'
#
loop_
_entity.id
_entity.type
_entity.pdbx_description
1 polymer PelA
2 water water
#
_entity_poly.entity_id   1
_entity_poly.type   'polypeptide(L)'
_entity_poly.pdbx_seq_one_letter_code
;MGSSHHHHHHSSGLVPRGSHMGGPSSVAFWYAERPPLAELSQFDWVVLEAAHLKPADVGYLKEQGSTPFAYLSVGEFDGD
AAAIADSGLARGKSAVRNQAWNSQVMDLAAPSWRAHLLKRAAELRKQGYAGLFLDTLDSFQLQAEERREGQRRALASFLA
QLHRQEPGLKLFFNRGFEVLPELPGVASAVAVASIHAGWDAAAGQYREVPQDDRDWLKGHLDALRAQGMPIVAIDYLPPE
RRDEARALAARLRSEGYVPFVSTPALDYLGVSDVEVQP
;
_entity_poly.pdbx_strand_id   A
#
# COMPACT_ATOMS: atom_id res chain seq x y z
N GLY A 23 5.80 13.24 6.70
CA GLY A 23 4.86 12.98 5.62
C GLY A 23 5.30 13.52 4.28
N PRO A 24 4.73 12.99 3.20
CA PRO A 24 5.19 13.36 1.86
C PRO A 24 4.60 14.67 1.38
N SER A 25 5.40 15.43 0.61
CA SER A 25 4.90 16.58 -0.13
C SER A 25 4.20 16.17 -1.41
N SER A 26 4.63 15.06 -1.98
CA SER A 26 4.06 14.46 -3.17
C SER A 26 4.38 12.98 -3.09
N VAL A 27 3.69 12.18 -3.88
CA VAL A 27 3.89 10.73 -3.80
C VAL A 27 3.60 10.13 -5.17
N ALA A 28 4.38 9.12 -5.54
CA ALA A 28 4.12 8.34 -6.75
C ALA A 28 4.26 6.86 -6.42
N PHE A 29 3.52 6.02 -7.18
CA PHE A 29 3.58 4.57 -7.10
C PHE A 29 3.95 4.03 -8.48
N TRP A 30 4.84 3.05 -8.52
CA TRP A 30 5.24 2.44 -9.79
C TRP A 30 5.54 0.98 -9.52
N TYR A 31 4.72 0.07 -10.08
CA TYR A 31 4.88 -1.36 -9.85
C TYR A 31 5.35 -2.12 -11.09
N ALA A 32 5.47 -1.46 -12.24
CA ALA A 32 5.86 -2.10 -13.47
C ALA A 32 7.38 -2.22 -13.58
N GLU A 33 7.82 -3.00 -14.57
CA GLU A 33 9.23 -3.06 -14.95
C GLU A 33 9.69 -1.70 -15.48
N ARG A 34 11.01 -1.53 -15.51
CA ARG A 34 11.65 -0.33 -16.05
C ARG A 34 11.08 0.97 -15.47
N PRO A 35 11.15 1.18 -14.16
CA PRO A 35 10.68 2.45 -13.60
C PRO A 35 11.49 3.59 -14.17
N PRO A 36 10.84 4.66 -14.64
CA PRO A 36 11.61 5.81 -15.13
C PRO A 36 12.17 6.63 -13.97
N LEU A 37 13.41 6.33 -13.58
CA LEU A 37 13.91 6.78 -12.28
C LEU A 37 14.08 8.29 -12.22
N ALA A 38 14.63 8.89 -13.27
CA ALA A 38 14.80 10.35 -13.24
C ALA A 38 13.45 11.03 -13.00
N GLU A 39 12.41 10.55 -13.67
CA GLU A 39 11.10 11.18 -13.52
C GLU A 39 10.51 10.90 -12.15
N LEU A 40 10.59 9.65 -11.67
CA LEU A 40 10.05 9.34 -10.35
C LEU A 40 10.81 10.06 -9.24
N SER A 41 12.10 10.35 -9.47
CA SER A 41 12.90 10.98 -8.43
C SER A 41 12.41 12.37 -8.06
N GLN A 42 11.55 12.98 -8.87
CA GLN A 42 11.09 14.31 -8.52
C GLN A 42 9.88 14.28 -7.60
N PHE A 43 9.39 13.09 -7.23
CA PHE A 43 8.37 12.96 -6.20
C PHE A 43 9.04 12.80 -4.84
N ASP A 44 8.35 13.28 -3.79
CA ASP A 44 8.90 13.25 -2.45
C ASP A 44 9.01 11.81 -1.92
N TRP A 45 7.90 11.08 -1.93
CA TRP A 45 7.86 9.65 -1.62
C TRP A 45 7.55 8.89 -2.91
N VAL A 46 8.26 7.78 -3.13
N VAL A 46 8.25 7.78 -3.11
CA VAL A 46 8.01 6.91 -4.28
CA VAL A 46 8.01 6.92 -4.27
C VAL A 46 7.91 5.48 -3.80
C VAL A 46 7.91 5.47 -3.78
N VAL A 47 6.84 4.80 -4.19
CA VAL A 47 6.59 3.42 -3.79
C VAL A 47 6.79 2.55 -5.02
N LEU A 48 7.62 1.53 -4.88
CA LEU A 48 8.11 0.75 -6.01
C LEU A 48 7.90 -0.73 -5.74
N GLU A 49 7.77 -1.49 -6.83
CA GLU A 49 7.93 -2.94 -6.77
C GLU A 49 9.42 -3.22 -6.88
N ALA A 50 10.00 -3.66 -5.76
CA ALA A 50 11.46 -3.77 -5.64
C ALA A 50 12.05 -4.79 -6.59
N ALA A 51 11.26 -5.77 -7.05
CA ALA A 51 11.76 -6.77 -7.98
C ALA A 51 12.31 -6.15 -9.26
N HIS A 52 11.93 -4.90 -9.55
CA HIS A 52 12.29 -4.25 -10.78
C HIS A 52 13.38 -3.21 -10.60
N LEU A 53 13.98 -3.13 -9.41
CA LEU A 53 15.08 -2.21 -9.13
C LEU A 53 16.28 -2.98 -8.59
N LYS A 54 17.45 -2.38 -8.75
CA LYS A 54 18.67 -2.81 -8.09
C LYS A 54 19.03 -1.82 -7.00
N PRO A 55 19.91 -2.18 -6.06
CA PRO A 55 20.29 -1.23 -5.00
C PRO A 55 20.83 0.10 -5.53
N ALA A 56 21.56 0.07 -6.65
CA ALA A 56 22.06 1.32 -7.23
C ALA A 56 20.90 2.24 -7.61
N ASP A 57 19.79 1.68 -8.08
CA ASP A 57 18.62 2.50 -8.41
C ASP A 57 18.00 3.09 -7.16
N VAL A 58 17.90 2.31 -6.09
CA VAL A 58 17.33 2.83 -4.85
C VAL A 58 18.23 3.92 -4.31
N GLY A 59 19.54 3.71 -4.36
CA GLY A 59 20.47 4.73 -3.92
C GLY A 59 20.38 5.99 -4.76
N TYR A 60 20.21 5.84 -6.08
CA TYR A 60 20.03 7.00 -6.95
C TYR A 60 18.82 7.82 -6.54
N LEU A 61 17.68 7.18 -6.27
CA LEU A 61 16.50 7.93 -5.86
C LEU A 61 16.76 8.72 -4.59
N LYS A 62 17.49 8.12 -3.64
CA LYS A 62 17.80 8.84 -2.41
C LYS A 62 18.74 10.00 -2.66
N GLU A 63 19.74 9.80 -3.54
CA GLU A 63 20.68 10.86 -3.88
C GLU A 63 19.97 12.08 -4.46
N GLN A 64 18.94 11.83 -5.28
CA GLN A 64 18.14 12.90 -5.85
C GLN A 64 17.22 13.56 -4.84
N GLY A 65 17.08 12.99 -3.65
CA GLY A 65 16.28 13.59 -2.61
C GLY A 65 14.94 12.95 -2.42
N SER A 66 14.66 11.86 -3.10
CA SER A 66 13.40 11.17 -2.95
C SER A 66 13.51 10.14 -1.82
N THR A 67 12.36 9.72 -1.31
CA THR A 67 12.32 8.71 -0.26
C THR A 67 11.68 7.45 -0.84
N PRO A 68 12.45 6.39 -1.12
CA PRO A 68 11.87 5.22 -1.80
C PRO A 68 11.30 4.18 -0.85
N PHE A 69 10.10 3.70 -1.14
CA PHE A 69 9.42 2.65 -0.38
C PHE A 69 9.31 1.40 -1.25
N ALA A 70 9.44 0.24 -0.62
CA ALA A 70 9.20 -1.03 -1.31
C ALA A 70 7.81 -1.55 -0.97
N TYR A 71 7.11 -2.03 -2.00
CA TYR A 71 5.83 -2.71 -1.81
C TYR A 71 6.00 -4.00 -1.04
N LEU A 72 5.10 -4.24 -0.08
CA LEU A 72 5.10 -5.51 0.65
C LEU A 72 3.65 -5.84 1.01
N SER A 73 3.13 -6.93 0.45
CA SER A 73 1.77 -7.38 0.73
C SER A 73 1.78 -8.18 2.03
N VAL A 74 1.10 -7.67 3.05
CA VAL A 74 1.14 -8.30 4.38
C VAL A 74 0.06 -9.36 4.53
N GLY A 75 -1.14 -9.11 4.00
CA GLY A 75 -2.26 -10.02 4.23
C GLY A 75 -2.42 -11.12 3.19
N GLU A 76 -1.73 -11.00 2.05
CA GLU A 76 -1.92 -11.92 0.93
C GLU A 76 -0.58 -12.27 0.32
N PHE A 77 -0.48 -13.51 -0.18
CA PHE A 77 0.60 -13.92 -1.06
C PHE A 77 0.22 -13.55 -2.49
N ASP A 78 1.00 -12.66 -3.10
CA ASP A 78 0.79 -12.29 -4.50
C ASP A 78 1.27 -13.43 -5.38
N GLY A 79 0.33 -14.16 -5.96
CA GLY A 79 0.65 -15.25 -6.84
C GLY A 79 -0.52 -16.19 -7.00
N ASP A 80 -0.63 -16.80 -8.17
CA ASP A 80 -1.58 -17.88 -8.34
C ASP A 80 -1.28 -18.97 -7.32
N ALA A 81 -2.24 -19.88 -7.14
CA ALA A 81 -1.86 -21.16 -6.58
C ALA A 81 -0.82 -21.78 -7.50
N ALA A 82 -0.03 -22.70 -6.94
CA ALA A 82 1.13 -23.31 -7.60
C ALA A 82 2.32 -22.36 -7.62
N ALA A 83 2.08 -21.07 -7.83
CA ALA A 83 3.10 -20.10 -7.43
C ALA A 83 3.37 -20.21 -5.94
N ILE A 84 2.31 -20.27 -5.14
CA ILE A 84 2.46 -20.41 -3.69
C ILE A 84 2.98 -21.81 -3.34
N ALA A 85 2.69 -22.81 -4.19
CA ALA A 85 3.24 -24.14 -3.94
C ALA A 85 4.76 -24.12 -3.97
N ASP A 86 5.35 -23.51 -5.00
CA ASP A 86 6.80 -23.45 -5.10
C ASP A 86 7.45 -22.57 -4.03
N SER A 87 6.68 -21.77 -3.31
CA SER A 87 7.25 -20.82 -2.35
C SER A 87 7.57 -21.45 -0.99
N GLY A 88 7.03 -22.62 -0.70
CA GLY A 88 7.16 -23.18 0.63
C GLY A 88 6.23 -22.60 1.68
N LEU A 89 5.25 -21.80 1.27
CA LEU A 89 4.35 -21.10 2.20
C LEU A 89 2.95 -21.68 2.26
N ALA A 90 2.69 -22.78 1.55
CA ALA A 90 1.31 -23.24 1.34
C ALA A 90 0.59 -23.52 2.65
N ARG A 91 1.31 -24.01 3.67
CA ARG A 91 0.68 -24.30 4.95
C ARG A 91 -0.06 -23.10 5.53
N GLY A 92 0.39 -21.89 5.22
CA GLY A 92 -0.19 -20.68 5.77
C GLY A 92 -1.38 -20.08 5.04
N LYS A 93 -1.82 -20.66 3.92
CA LYS A 93 -2.90 -20.09 3.12
C LYS A 93 -4.26 -20.37 3.76
N SER A 94 -5.12 -19.34 3.79
CA SER A 94 -6.48 -19.45 4.29
C SER A 94 -7.45 -19.63 3.13
N ALA A 95 -8.24 -20.70 3.16
CA ALA A 95 -9.12 -21.01 2.05
C ALA A 95 -10.42 -20.19 2.12
N VAL A 96 -10.28 -18.87 2.05
CA VAL A 96 -11.43 -17.99 2.23
C VAL A 96 -12.44 -18.21 1.10
N ARG A 97 -13.70 -17.91 1.41
CA ARG A 97 -14.81 -18.07 0.46
C ARG A 97 -14.55 -17.29 -0.82
N ASN A 98 -14.55 -15.96 -0.76
CA ASN A 98 -14.39 -15.13 -1.96
C ASN A 98 -12.91 -14.82 -2.17
N GLN A 99 -12.19 -15.84 -2.61
CA GLN A 99 -10.76 -15.70 -2.89
C GLN A 99 -10.55 -15.26 -4.34
N ALA A 100 -9.65 -14.30 -4.52
CA ALA A 100 -9.34 -13.81 -5.85
C ALA A 100 -8.32 -14.74 -6.51
N TRP A 101 -8.43 -14.86 -7.83
CA TRP A 101 -7.38 -15.55 -8.58
C TRP A 101 -6.08 -14.78 -8.42
N ASN A 102 -4.97 -15.52 -8.34
CA ASN A 102 -3.62 -14.97 -8.33
C ASN A 102 -3.27 -14.21 -7.06
N SER A 103 -4.12 -14.23 -6.03
CA SER A 103 -3.68 -13.77 -4.70
C SER A 103 -4.35 -14.64 -3.65
N GLN A 104 -3.57 -15.08 -2.68
CA GLN A 104 -4.05 -15.98 -1.64
C GLN A 104 -4.07 -15.26 -0.31
N VAL A 105 -5.21 -15.31 0.38
CA VAL A 105 -5.25 -14.78 1.75
C VAL A 105 -4.41 -15.68 2.65
N MET A 106 -3.57 -15.06 3.47
CA MET A 106 -2.66 -15.79 4.35
C MET A 106 -3.12 -15.66 5.81
N ASP A 107 -2.85 -16.70 6.57
CA ASP A 107 -3.12 -16.74 8.00
C ASP A 107 -2.04 -15.93 8.71
N LEU A 108 -2.43 -14.79 9.29
CA LEU A 108 -1.42 -13.90 9.86
C LEU A 108 -0.83 -14.45 11.15
N ALA A 109 -1.38 -15.53 11.69
CA ALA A 109 -0.82 -16.21 12.83
C ALA A 109 0.07 -17.38 12.44
N ALA A 110 0.19 -17.69 11.15
CA ALA A 110 1.01 -18.81 10.73
C ALA A 110 2.49 -18.41 10.81
N PRO A 111 3.32 -19.18 11.52
CA PRO A 111 4.72 -18.78 11.71
C PRO A 111 5.52 -18.68 10.41
N SER A 112 5.26 -19.56 9.44
CA SER A 112 6.01 -19.50 8.20
C SER A 112 5.69 -18.24 7.41
N TRP A 113 4.46 -17.73 7.54
CA TRP A 113 4.11 -16.49 6.83
C TRP A 113 4.76 -15.28 7.48
N ARG A 114 4.61 -15.15 8.81
CA ARG A 114 5.25 -14.05 9.53
C ARG A 114 6.76 -14.07 9.34
N ALA A 115 7.38 -15.25 9.41
CA ALA A 115 8.83 -15.33 9.21
C ALA A 115 9.22 -14.88 7.79
N HIS A 116 8.42 -15.25 6.80
CA HIS A 116 8.64 -14.83 5.42
C HIS A 116 8.61 -13.30 5.31
N LEU A 117 7.62 -12.67 5.92
CA LEU A 117 7.48 -11.21 5.81
C LEU A 117 8.64 -10.49 6.48
N LEU A 118 9.07 -10.94 7.66
CA LEU A 118 10.20 -10.30 8.35
C LEU A 118 11.49 -10.47 7.56
N LYS A 119 11.68 -11.63 6.94
CA LYS A 119 12.86 -11.84 6.12
C LYS A 119 12.86 -10.92 4.91
N ARG A 120 11.70 -10.79 4.27
CA ARG A 120 11.56 -9.88 3.15
C ARG A 120 11.83 -8.44 3.57
N ALA A 121 11.34 -8.05 4.75
CA ALA A 121 11.60 -6.72 5.28
C ALA A 121 13.10 -6.49 5.44
N ALA A 122 13.82 -7.48 6.00
CA ALA A 122 15.27 -7.33 6.13
C ALA A 122 15.94 -7.23 4.77
N GLU A 123 15.51 -8.05 3.81
CA GLU A 123 16.13 -7.98 2.48
C GLU A 123 15.93 -6.60 1.87
N LEU A 124 14.74 -6.03 2.05
CA LEU A 124 14.43 -4.74 1.44
C LEU A 124 15.17 -3.61 2.17
N ARG A 125 15.35 -3.74 3.48
CA ARG A 125 16.22 -2.79 4.18
C ARG A 125 17.63 -2.82 3.61
N LYS A 126 18.17 -4.03 3.37
CA LYS A 126 19.53 -4.14 2.87
C LYS A 126 19.67 -3.55 1.47
N GLN A 127 18.59 -3.57 0.69
CA GLN A 127 18.62 -2.96 -0.64
C GLN A 127 18.63 -1.44 -0.60
N GLY A 128 18.33 -0.83 0.55
CA GLY A 128 18.41 0.60 0.70
C GLY A 128 17.08 1.32 0.77
N TYR A 129 15.96 0.60 0.83
CA TYR A 129 14.66 1.25 0.92
C TYR A 129 14.50 1.97 2.25
N ALA A 130 13.95 3.19 2.17
CA ALA A 130 13.68 4.00 3.35
C ALA A 130 12.42 3.56 4.07
N GLY A 131 11.64 2.67 3.49
CA GLY A 131 10.37 2.31 4.09
C GLY A 131 9.69 1.22 3.30
N LEU A 132 8.57 0.75 3.85
CA LEU A 132 7.73 -0.25 3.22
C LEU A 132 6.32 0.30 3.03
N PHE A 133 5.72 0.01 1.87
CA PHE A 133 4.30 0.25 1.67
C PHE A 133 3.58 -1.07 1.94
N LEU A 134 2.80 -1.10 3.02
CA LEU A 134 2.21 -2.33 3.54
C LEU A 134 0.81 -2.50 2.96
N ASP A 135 0.65 -3.46 2.06
CA ASP A 135 -0.61 -3.68 1.38
C ASP A 135 -1.39 -4.79 2.07
N THR A 136 -2.65 -4.92 1.65
CA THR A 136 -3.61 -5.97 2.10
C THR A 136 -3.72 -6.07 3.62
N LEU A 137 -3.80 -4.92 4.28
CA LEU A 137 -3.99 -4.91 5.73
C LEU A 137 -5.42 -5.20 6.15
N ASP A 138 -6.35 -5.24 5.20
CA ASP A 138 -7.75 -5.53 5.53
C ASP A 138 -8.24 -6.80 4.87
N SER A 139 -7.33 -7.59 4.29
CA SER A 139 -7.74 -8.80 3.61
C SER A 139 -8.27 -9.86 4.59
N PHE A 140 -7.92 -9.75 5.87
CA PHE A 140 -8.42 -10.71 6.85
C PHE A 140 -9.93 -10.63 7.00
N GLN A 141 -10.52 -9.50 6.59
CA GLN A 141 -11.97 -9.34 6.58
CA GLN A 141 -11.97 -9.39 6.64
C GLN A 141 -12.67 -10.32 5.64
N LEU A 142 -11.92 -10.96 4.74
CA LEU A 142 -12.47 -12.01 3.89
C LEU A 142 -12.62 -13.33 4.62
N GLN A 143 -12.04 -13.47 5.81
CA GLN A 143 -12.22 -14.69 6.58
C GLN A 143 -13.63 -14.77 7.15
N ALA A 144 -14.01 -15.97 7.57
CA ALA A 144 -15.26 -16.16 8.30
C ALA A 144 -15.31 -15.19 9.47
N GLU A 145 -16.50 -14.63 9.71
CA GLU A 145 -16.62 -13.52 10.65
C GLU A 145 -16.04 -13.85 12.02
N GLU A 146 -16.35 -15.05 12.54
CA GLU A 146 -15.89 -15.43 13.88
C GLU A 146 -14.38 -15.61 13.96
N ARG A 147 -13.67 -15.62 12.83
CA ARG A 147 -12.21 -15.72 12.84
C ARG A 147 -11.50 -14.37 12.67
N ARG A 148 -12.23 -13.29 12.36
CA ARG A 148 -11.57 -12.04 12.02
C ARG A 148 -10.83 -11.44 13.21
N GLU A 149 -11.39 -11.54 14.42
CA GLU A 149 -10.73 -10.93 15.58
C GLU A 149 -9.36 -11.56 15.82
N GLY A 150 -9.27 -12.89 15.76
CA GLY A 150 -7.97 -13.53 15.85
C GLY A 150 -6.99 -13.04 14.79
N GLN A 151 -7.47 -12.83 13.58
CA GLN A 151 -6.59 -12.33 12.53
C GLN A 151 -6.18 -10.89 12.78
N ARG A 152 -7.13 -10.04 13.19
CA ARG A 152 -6.81 -8.66 13.50
C ARG A 152 -5.73 -8.56 14.57
N ARG A 153 -5.81 -9.39 15.61
CA ARG A 153 -4.82 -9.35 16.68
C ARG A 153 -3.48 -9.87 16.21
N ALA A 154 -3.49 -10.92 15.37
CA ALA A 154 -2.23 -11.40 14.81
C ALA A 154 -1.62 -10.35 13.89
N LEU A 155 -2.46 -9.63 13.13
CA LEU A 155 -1.96 -8.56 12.27
C LEU A 155 -1.29 -7.45 13.08
N ALA A 156 -1.95 -7.00 14.14
CA ALA A 156 -1.39 -5.95 14.98
C ALA A 156 -0.08 -6.38 15.61
N SER A 157 -0.04 -7.61 16.14
CA SER A 157 1.21 -8.06 16.77
C SER A 157 2.32 -8.20 15.75
N PHE A 158 1.96 -8.62 14.53
CA PHE A 158 2.97 -8.69 13.49
C PHE A 158 3.53 -7.30 13.17
N LEU A 159 2.64 -6.32 12.98
CA LEU A 159 3.10 -4.98 12.60
C LEU A 159 3.98 -4.38 13.68
N ALA A 160 3.63 -4.61 14.95
CA ALA A 160 4.45 -4.15 16.06
C ALA A 160 5.83 -4.83 16.04
N GLN A 161 5.86 -6.12 15.71
CA GLN A 161 7.15 -6.81 15.65
C GLN A 161 7.98 -6.30 14.47
N LEU A 162 7.34 -6.10 13.30
CA LEU A 162 8.03 -5.56 12.15
C LEU A 162 8.69 -4.23 12.48
N HIS A 163 7.93 -3.36 13.15
CA HIS A 163 8.42 -2.02 13.48
C HIS A 163 9.56 -2.08 14.49
N ARG A 164 9.46 -3.01 15.45
CA ARG A 164 10.53 -3.19 16.42
C ARG A 164 11.79 -3.73 15.76
N GLN A 165 11.64 -4.68 14.84
CA GLN A 165 12.76 -5.35 14.21
C GLN A 165 13.43 -4.46 13.18
N GLU A 166 12.68 -3.59 12.52
CA GLU A 166 13.20 -2.75 11.44
C GLU A 166 12.82 -1.29 11.72
N PRO A 167 13.42 -0.68 12.76
CA PRO A 167 13.13 0.73 13.04
C PRO A 167 13.60 1.69 11.96
N GLY A 168 14.48 1.25 11.06
CA GLY A 168 14.93 2.09 9.96
C GLY A 168 14.01 2.12 8.76
N LEU A 169 12.88 1.41 8.80
CA LEU A 169 11.91 1.40 7.71
C LEU A 169 10.68 2.19 8.14
N LYS A 170 10.42 3.33 7.49
CA LYS A 170 9.13 3.99 7.67
C LYS A 170 8.04 3.07 7.14
N LEU A 171 6.97 2.89 7.91
CA LEU A 171 5.88 2.01 7.52
C LEU A 171 4.73 2.85 6.97
N PHE A 172 4.46 2.68 5.68
CA PHE A 172 3.44 3.43 4.95
C PHE A 172 2.29 2.46 4.80
N PHE A 173 1.27 2.59 5.65
CA PHE A 173 0.14 1.65 5.66
C PHE A 173 -0.78 1.92 4.48
N ASN A 174 -1.26 0.85 3.87
CA ASN A 174 -2.46 0.94 3.04
C ASN A 174 -3.66 0.64 3.93
N ARG A 175 -4.39 1.69 4.32
CA ARG A 175 -5.53 1.54 5.24
C ARG A 175 -5.00 0.89 6.52
N GLY A 176 -5.62 -0.18 7.02
CA GLY A 176 -5.28 -0.72 8.32
C GLY A 176 -6.06 -0.11 9.45
N PHE A 177 -7.28 0.38 9.18
CA PHE A 177 -8.04 1.07 10.21
C PHE A 177 -8.33 0.17 11.40
N GLU A 178 -8.45 -1.13 11.18
CA GLU A 178 -8.84 -1.99 12.30
C GLU A 178 -7.70 -2.21 13.30
N VAL A 179 -6.46 -1.87 12.94
CA VAL A 179 -5.33 -2.03 13.84
C VAL A 179 -4.63 -0.72 14.18
N LEU A 180 -4.71 0.33 13.35
CA LEU A 180 -4.05 1.61 13.65
C LEU A 180 -4.28 2.10 15.07
N PRO A 181 -5.50 2.10 15.65
CA PRO A 181 -5.66 2.65 16.99
C PRO A 181 -4.83 1.97 18.05
N GLU A 182 -4.49 0.69 17.87
CA GLU A 182 -3.64 -0.02 18.82
C GLU A 182 -2.17 0.00 18.44
N LEU A 183 -1.76 0.86 17.50
CA LEU A 183 -0.37 0.91 17.04
C LEU A 183 0.15 2.35 17.00
N PRO A 184 0.13 3.07 18.14
CA PRO A 184 0.56 4.47 18.12
C PRO A 184 2.03 4.59 17.75
N GLY A 185 2.33 5.55 16.87
CA GLY A 185 3.68 5.81 16.43
C GLY A 185 4.22 4.87 15.37
N VAL A 186 3.44 3.90 14.91
CA VAL A 186 3.96 2.84 14.03
C VAL A 186 3.92 3.26 12.57
N ALA A 187 2.78 3.76 12.11
CA ALA A 187 2.65 4.15 10.71
C ALA A 187 3.15 5.59 10.50
N SER A 188 3.85 5.81 9.37
CA SER A 188 4.29 7.16 9.02
C SER A 188 3.28 7.90 8.16
N ALA A 189 2.40 7.18 7.49
CA ALA A 189 1.32 7.74 6.69
C ALA A 189 0.34 6.62 6.40
N VAL A 190 -0.87 6.99 6.02
CA VAL A 190 -1.89 6.00 5.67
C VAL A 190 -2.45 6.35 4.29
N ALA A 191 -2.47 5.37 3.39
CA ALA A 191 -3.04 5.53 2.07
C ALA A 191 -4.46 4.96 2.02
N VAL A 192 -5.29 5.56 1.16
CA VAL A 192 -6.61 5.05 0.88
C VAL A 192 -6.79 5.04 -0.63
N ALA A 193 -6.97 3.85 -1.20
CA ALA A 193 -7.53 3.76 -2.54
C ALA A 193 -8.99 3.38 -2.34
N SER A 194 -9.94 4.27 -2.63
CA SER A 194 -9.74 5.55 -3.33
C SER A 194 -10.70 6.55 -2.72
N ILE A 195 -10.57 7.82 -3.06
CA ILE A 195 -11.38 8.87 -2.46
C ILE A 195 -12.51 9.31 -3.39
N HIS A 196 -12.20 9.63 -4.66
CA HIS A 196 -13.20 10.07 -5.62
C HIS A 196 -13.25 9.22 -6.87
N ALA A 197 -12.10 8.91 -7.46
CA ALA A 197 -12.00 8.13 -8.67
C ALA A 197 -11.36 6.79 -8.33
N GLY A 198 -12.11 5.70 -8.49
CA GLY A 198 -11.59 4.41 -8.08
C GLY A 198 -11.46 3.39 -9.19
N TRP A 199 -11.20 2.14 -8.79
CA TRP A 199 -11.05 1.04 -9.73
C TRP A 199 -11.80 -0.17 -9.20
N ASP A 200 -12.65 -0.75 -10.05
CA ASP A 200 -13.38 -1.99 -9.76
C ASP A 200 -12.58 -3.13 -10.37
N ALA A 201 -11.75 -3.78 -9.57
CA ALA A 201 -10.89 -4.85 -10.08
C ALA A 201 -11.71 -6.03 -10.58
N ALA A 202 -12.79 -6.37 -9.88
CA ALA A 202 -13.65 -7.46 -10.32
C ALA A 202 -14.15 -7.21 -11.74
N ALA A 203 -14.44 -5.96 -12.07
CA ALA A 203 -14.98 -5.60 -13.37
C ALA A 203 -13.91 -5.19 -14.38
N GLY A 204 -12.72 -4.84 -13.92
CA GLY A 204 -11.74 -4.24 -14.83
C GLY A 204 -12.21 -2.93 -15.40
N GLN A 205 -12.84 -2.10 -14.58
CA GLN A 205 -13.38 -0.82 -15.04
C GLN A 205 -13.07 0.26 -14.01
N TYR A 206 -12.65 1.43 -14.52
CA TYR A 206 -12.61 2.63 -13.69
C TYR A 206 -14.01 2.93 -13.18
N ARG A 207 -14.12 3.36 -11.92
CA ARG A 207 -15.43 3.52 -11.31
C ARG A 207 -15.33 4.52 -10.17
N GLU A 208 -16.17 5.54 -10.21
CA GLU A 208 -16.12 6.56 -9.16
C GLU A 208 -16.43 5.93 -7.80
N VAL A 209 -15.84 6.51 -6.76
CA VAL A 209 -16.04 6.01 -5.40
C VAL A 209 -17.45 6.36 -4.92
N PRO A 210 -18.28 5.38 -4.59
CA PRO A 210 -19.63 5.69 -4.08
C PRO A 210 -19.59 6.52 -2.80
N GLN A 211 -20.62 7.34 -2.61
CA GLN A 211 -20.70 8.18 -1.40
C GLN A 211 -20.68 7.31 -0.15
N ASP A 212 -21.35 6.14 -0.21
CA ASP A 212 -21.32 5.16 0.88
C ASP A 212 -19.91 4.87 1.36
N ASP A 213 -18.98 4.73 0.43
CA ASP A 213 -17.61 4.43 0.82
C ASP A 213 -16.95 5.62 1.49
N ARG A 214 -17.19 6.84 0.98
CA ARG A 214 -16.62 8.01 1.64
C ARG A 214 -17.27 8.24 3.00
N ASP A 215 -18.55 7.91 3.15
CA ASP A 215 -19.19 8.08 4.45
C ASP A 215 -18.57 7.16 5.49
N TRP A 216 -18.30 5.91 5.11
CA TRP A 216 -17.66 4.96 6.02
C TRP A 216 -16.22 5.39 6.33
N LEU A 217 -15.51 5.94 5.36
CA LEU A 217 -14.13 6.35 5.58
C LEU A 217 -14.02 7.55 6.51
N LYS A 218 -15.04 8.42 6.52
CA LYS A 218 -14.90 9.70 7.21
C LYS A 218 -14.54 9.53 8.68
N GLY A 219 -15.24 8.63 9.38
CA GLY A 219 -14.94 8.42 10.79
C GLY A 219 -13.51 7.96 11.02
N HIS A 220 -13.03 7.07 10.15
CA HIS A 220 -11.66 6.59 10.30
C HIS A 220 -10.64 7.66 9.92
N LEU A 221 -10.92 8.40 8.85
CA LEU A 221 -9.99 9.44 8.42
C LEU A 221 -9.99 10.61 9.40
N ASP A 222 -11.15 10.96 9.95
CA ASP A 222 -11.17 12.05 10.94
C ASP A 222 -10.33 11.69 12.16
N ALA A 223 -10.40 10.44 12.62
CA ALA A 223 -9.55 10.01 13.73
C ALA A 223 -8.08 10.15 13.39
N LEU A 224 -7.69 9.81 12.16
CA LEU A 224 -6.31 9.97 11.74
C LEU A 224 -5.92 11.43 11.60
N ARG A 225 -6.82 12.24 11.02
CA ARG A 225 -6.56 13.67 10.89
C ARG A 225 -6.36 14.31 12.26
N ALA A 226 -7.17 13.88 13.24
CA ALA A 226 -7.06 14.44 14.58
C ALA A 226 -5.70 14.12 15.20
N GLN A 227 -5.11 12.99 14.82
CA GLN A 227 -3.79 12.58 15.29
C GLN A 227 -2.65 13.16 14.45
N GLY A 228 -2.94 13.98 13.45
CA GLY A 228 -1.89 14.50 12.59
C GLY A 228 -1.29 13.49 11.62
N MET A 229 -1.99 12.40 11.34
CA MET A 229 -1.43 11.40 10.44
C MET A 229 -1.56 11.86 9.00
N PRO A 230 -0.47 11.88 8.22
CA PRO A 230 -0.58 12.20 6.79
C PRO A 230 -1.42 11.14 6.08
N ILE A 231 -2.29 11.58 5.19
CA ILE A 231 -3.17 10.68 4.46
C ILE A 231 -2.90 10.84 2.97
N VAL A 232 -2.64 9.72 2.31
CA VAL A 232 -2.41 9.69 0.88
C VAL A 232 -3.68 9.16 0.21
N ALA A 233 -4.11 9.82 -0.85
CA ALA A 233 -5.22 9.35 -1.67
C ALA A 233 -4.65 8.69 -2.92
N ILE A 234 -5.00 7.43 -3.15
CA ILE A 234 -4.65 6.74 -4.38
C ILE A 234 -5.92 6.68 -5.23
N ASP A 235 -6.03 7.57 -6.21
CA ASP A 235 -7.19 7.57 -7.10
C ASP A 235 -6.76 7.13 -8.48
N TYR A 236 -7.74 6.72 -9.28
CA TYR A 236 -7.44 6.08 -10.56
C TYR A 236 -8.16 6.79 -11.69
N LEU A 237 -7.40 7.28 -12.66
CA LEU A 237 -7.94 7.76 -13.93
C LEU A 237 -7.04 7.27 -15.06
N PRO A 238 -7.60 6.97 -16.23
CA PRO A 238 -6.78 6.39 -17.30
C PRO A 238 -5.91 7.47 -17.93
N PRO A 239 -4.89 7.09 -18.70
CA PRO A 239 -3.97 8.11 -19.25
C PRO A 239 -4.63 9.17 -20.10
N GLU A 240 -5.66 8.82 -20.89
CA GLU A 240 -6.25 9.81 -21.76
C GLU A 240 -6.98 10.91 -21.00
N ARG A 241 -7.27 10.69 -19.72
CA ARG A 241 -7.91 11.69 -18.86
C ARG A 241 -6.89 12.39 -17.96
N ARG A 242 -5.69 12.65 -18.49
CA ARG A 242 -4.65 13.31 -17.70
C ARG A 242 -5.07 14.71 -17.25
N ASP A 243 -5.82 15.44 -18.08
CA ASP A 243 -6.32 16.74 -17.65
C ASP A 243 -7.24 16.59 -16.44
N GLU A 244 -8.12 15.59 -16.47
CA GLU A 244 -8.99 15.31 -15.33
C GLU A 244 -8.16 14.88 -14.10
N ALA A 245 -7.09 14.12 -14.32
CA ALA A 245 -6.26 13.68 -13.19
C ALA A 245 -5.61 14.87 -12.48
N ARG A 246 -5.11 15.87 -13.24
CA ARG A 246 -4.57 17.08 -12.63
C ARG A 246 -5.62 17.80 -11.80
N ALA A 247 -6.81 17.98 -12.37
CA ALA A 247 -7.88 18.64 -11.62
C ALA A 247 -8.21 17.85 -10.35
N LEU A 248 -8.27 16.52 -10.46
CA LEU A 248 -8.57 15.71 -9.29
C LEU A 248 -7.46 15.80 -8.25
N ALA A 249 -6.19 15.73 -8.68
CA ALA A 249 -5.07 15.96 -7.78
C ALA A 249 -5.24 17.25 -6.99
N ALA A 250 -5.60 18.35 -7.68
CA ALA A 250 -5.85 19.62 -7.02
C ALA A 250 -7.03 19.52 -6.04
N ARG A 251 -8.09 18.84 -6.46
CA ARG A 251 -9.25 18.67 -5.57
C ARG A 251 -8.86 17.90 -4.31
N LEU A 252 -8.13 16.80 -4.48
CA LEU A 252 -7.71 16.01 -3.32
C LEU A 252 -6.82 16.82 -2.38
N ARG A 253 -5.92 17.65 -2.93
CA ARG A 253 -5.07 18.48 -2.08
C ARG A 253 -5.91 19.49 -1.29
N SER A 254 -6.91 20.09 -1.94
N SER A 254 -6.91 20.09 -1.94
CA SER A 254 -7.81 21.01 -1.24
CA SER A 254 -7.80 21.01 -1.24
C SER A 254 -8.52 20.31 -0.09
C SER A 254 -8.55 20.32 -0.12
N GLU A 255 -8.76 19.00 -0.22
CA GLU A 255 -9.45 18.24 0.80
C GLU A 255 -8.50 17.63 1.83
N GLY A 256 -7.23 18.00 1.80
CA GLY A 256 -6.28 17.57 2.81
C GLY A 256 -5.48 16.32 2.49
N TYR A 257 -5.62 15.74 1.30
CA TYR A 257 -4.89 14.53 0.94
C TYR A 257 -3.61 14.88 0.19
N VAL A 258 -2.64 13.98 0.28
CA VAL A 258 -1.49 13.97 -0.62
C VAL A 258 -1.79 12.92 -1.68
N PRO A 259 -2.14 13.30 -2.92
CA PRO A 259 -2.69 12.33 -3.88
C PRO A 259 -1.69 11.80 -4.89
N PHE A 260 -2.01 10.64 -5.45
CA PHE A 260 -1.43 10.16 -6.70
C PHE A 260 -2.59 9.61 -7.52
N VAL A 261 -2.72 10.07 -8.75
CA VAL A 261 -3.85 9.72 -9.62
C VAL A 261 -3.24 8.98 -10.79
N SER A 262 -3.49 7.68 -10.87
CA SER A 262 -2.74 6.90 -11.83
C SER A 262 -3.64 5.77 -12.33
N THR A 263 -3.03 4.76 -12.91
CA THR A 263 -3.72 3.59 -13.45
C THR A 263 -3.68 2.46 -12.43
N PRO A 264 -4.60 1.51 -12.50
CA PRO A 264 -4.58 0.41 -11.50
C PRO A 264 -3.36 -0.49 -11.61
N ALA A 265 -2.67 -0.52 -12.74
CA ALA A 265 -1.42 -1.28 -12.82
C ALA A 265 -0.25 -0.51 -12.25
N LEU A 266 -0.43 0.77 -11.94
CA LEU A 266 0.66 1.62 -11.46
C LEU A 266 1.86 1.51 -12.40
N ASP A 267 1.58 1.64 -13.69
CA ASP A 267 2.57 1.51 -14.75
C ASP A 267 2.67 2.80 -15.54
N TYR A 268 2.36 3.92 -14.89
CA TYR A 268 2.11 5.19 -15.57
C TYR A 268 2.63 6.31 -14.69
N LEU A 269 3.22 7.33 -15.31
CA LEU A 269 3.66 8.51 -14.57
C LEU A 269 2.45 9.41 -14.32
N GLY A 270 1.64 9.02 -13.34
CA GLY A 270 0.48 9.79 -12.98
C GLY A 270 0.90 11.07 -12.28
N VAL A 271 -0.07 11.75 -11.67
CA VAL A 271 0.14 13.11 -11.19
C VAL A 271 -0.17 13.20 -9.71
N SER A 272 0.62 14.00 -9.00
CA SER A 272 0.42 14.31 -7.59
C SER A 272 0.11 15.77 -7.35
N ASP A 273 0.48 16.65 -8.25
CA ASP A 273 0.32 18.08 -8.03
C ASP A 273 0.14 18.77 -9.38
N VAL A 274 0.10 20.11 -9.34
CA VAL A 274 -0.10 20.95 -10.51
C VAL A 274 1.08 20.84 -11.46
N GLU A 275 0.89 21.30 -12.70
CA GLU A 275 1.97 21.38 -13.68
C GLU A 275 2.66 22.74 -13.62
#